data_8BZ9
#
_entry.id   8BZ9
#
_cell.length_a   81.764
_cell.length_b   111.602
_cell.length_c   62.364
_cell.angle_alpha   90.00
_cell.angle_beta   90.00
_cell.angle_gamma   90.00
#
_symmetry.space_group_name_H-M   'C 2 2 21'
#
loop_
_entity.id
_entity.type
_entity.pdbx_description
1 polymer '14-3-3 protein sigma'
2 polymer 'ERalpha peptide'
3 non-polymer 'MAGNESIUM ION'
4 non-polymer 4-chloranyl-7-propan-2-yloxy-1-benzothiophene-2-carboximidamide
5 water water
#
loop_
_entity_poly.entity_id
_entity_poly.type
_entity_poly.pdbx_seq_one_letter_code
_entity_poly.pdbx_strand_id
1 'polypeptide(L)'
;GAMGSMERASLIQKAKLAEQAERYEDMAAFMKGAVEKGEELSCEERNLLSVAYKNVVGGQRAAWRVLSSIEQKSNEEGSE
EKGPEVREYREKVETELQGVCDTVLGLLDSHLIKEAGDAESRVFYLKMKGDYYRYLAEVATGDDKKRIIDSARSAYQEAM
DISKKEMPPTNPIRLGLALNFSVFHYEIANSPEEAISLAKTTFDEAMADLHTLSEDSYKDSTLIMQLLRDNLTLWT
;
A
2 'polypeptide(L)' FPA(TPO)V B
#
loop_
_chem_comp.id
_chem_comp.type
_chem_comp.name
_chem_comp.formula
LF5 non-polymer 4-chloranyl-7-propan-2-yloxy-1-benzothiophene-2-carboximidamide 'C12 H13 Cl N2 O S'
MG non-polymer 'MAGNESIUM ION' 'Mg 2'
#
# COMPACT_ATOMS: atom_id res chain seq x y z
N GLY A 1 -24.04 -4.76 5.18
CA GLY A 1 -23.46 -4.26 3.92
C GLY A 1 -24.32 -3.20 3.27
N ALA A 2 -23.93 -1.93 3.45
CA ALA A 2 -24.74 -0.82 2.97
C ALA A 2 -24.88 -0.80 1.46
N MET A 3 -23.97 -1.44 0.74
CA MET A 3 -24.00 -1.51 -0.72
C MET A 3 -24.64 -2.79 -1.23
N GLY A 4 -25.21 -3.61 -0.34
CA GLY A 4 -25.76 -4.88 -0.74
C GLY A 4 -26.86 -4.81 -1.78
N SER A 5 -27.61 -3.71 -1.81
CA SER A 5 -28.71 -3.60 -2.76
C SER A 5 -28.32 -3.00 -4.11
N MET A 6 -27.07 -2.56 -4.28
CA MET A 6 -26.65 -1.96 -5.53
C MET A 6 -25.96 -2.99 -6.42
N GLU A 7 -26.29 -2.95 -7.71
CA GLU A 7 -25.66 -3.83 -8.67
C GLU A 7 -24.15 -3.68 -8.68
N ARG A 8 -23.46 -4.80 -8.88
CA ARG A 8 -22.00 -4.76 -8.99
C ARG A 8 -21.55 -3.76 -10.05
N ALA A 9 -22.16 -3.80 -11.24
CA ALA A 9 -21.69 -2.92 -12.30
C ALA A 9 -21.91 -1.46 -11.95
N SER A 10 -22.99 -1.17 -11.21
CA SER A 10 -23.27 0.20 -10.81
C SER A 10 -22.28 0.67 -9.76
N LEU A 11 -21.88 -0.22 -8.86
CA LEU A 11 -20.85 0.11 -7.89
C LEU A 11 -19.54 0.46 -8.59
N ILE A 12 -19.15 -0.32 -9.59
CA ILE A 12 -17.91 -0.05 -10.33
C ILE A 12 -18.02 1.28 -11.06
N GLN A 13 -19.17 1.52 -11.70
CA GLN A 13 -19.37 2.78 -12.41
C GLN A 13 -19.29 3.96 -11.45
N LYS A 14 -19.93 3.84 -10.29
CA LYS A 14 -19.88 4.91 -9.31
C LYS A 14 -18.49 5.08 -8.70
N ALA A 15 -17.73 4.00 -8.53
CA ALA A 15 -16.35 4.16 -8.09
C ALA A 15 -15.55 5.00 -9.07
N LYS A 16 -15.77 4.80 -10.38
CA LYS A 16 -15.05 5.58 -11.38
C LYS A 16 -15.48 7.05 -11.35
N LEU A 17 -16.76 7.30 -11.13
CA LEU A 17 -17.24 8.67 -10.98
C LEU A 17 -16.66 9.32 -9.74
N ALA A 18 -16.62 8.57 -8.64
CA ALA A 18 -16.06 9.13 -7.41
C ALA A 18 -14.60 9.48 -7.59
N GLU A 19 -13.84 8.66 -8.31
CA GLU A 19 -12.46 8.98 -8.61
C GLU A 19 -12.35 10.31 -9.35
N GLN A 20 -13.18 10.50 -10.38
CA GLN A 20 -13.13 11.73 -11.16
C GLN A 20 -13.45 12.93 -10.27
N ALA A 21 -14.36 12.76 -9.31
CA ALA A 21 -14.77 13.82 -8.40
C ALA A 21 -13.85 13.93 -7.18
N GLU A 22 -12.79 13.13 -7.11
CA GLU A 22 -11.87 13.12 -5.96
C GLU A 22 -12.60 12.87 -4.65
N ARG A 23 -13.57 11.97 -4.69
CA ARG A 23 -14.36 11.56 -3.53
C ARG A 23 -13.89 10.15 -3.15
N TYR A 24 -12.73 10.08 -2.51
CA TYR A 24 -12.10 8.79 -2.34
C TYR A 24 -12.74 7.93 -1.26
N GLU A 25 -13.31 8.54 -0.23
CA GLU A 25 -14.06 7.75 0.74
C GLU A 25 -15.23 7.05 0.07
N ASP A 26 -15.99 7.79 -0.76
CA ASP A 26 -17.08 7.16 -1.48
C ASP A 26 -16.54 6.07 -2.40
N MET A 27 -15.44 6.38 -3.10
CA MET A 27 -14.89 5.41 -4.05
C MET A 27 -14.57 4.11 -3.31
N ALA A 28 -14.00 4.22 -2.10
CA ALA A 28 -13.63 3.03 -1.33
C ALA A 28 -14.86 2.27 -0.87
N ALA A 29 -15.92 2.99 -0.45
CA ALA A 29 -17.13 2.30 -0.07
C ALA A 29 -17.77 1.57 -1.24
N PHE A 30 -17.75 2.18 -2.43
CA PHE A 30 -18.29 1.51 -3.60
C PHE A 30 -17.49 0.24 -3.92
N MET A 31 -16.16 0.35 -3.91
CA MET A 31 -15.32 -0.82 -4.19
C MET A 31 -15.42 -1.91 -3.14
N LYS A 32 -15.52 -1.55 -1.87
CA LYS A 32 -15.82 -2.54 -0.84
C LYS A 32 -17.12 -3.27 -1.15
N GLY A 33 -18.15 -2.52 -1.54
CA GLY A 33 -19.38 -3.16 -1.94
C GLY A 33 -19.18 -4.10 -3.11
N ALA A 34 -18.38 -3.69 -4.09
CA ALA A 34 -18.14 -4.55 -5.25
C ALA A 34 -17.43 -5.83 -4.83
N VAL A 35 -16.41 -5.70 -3.99
CA VAL A 35 -15.69 -6.90 -3.52
C VAL A 35 -16.66 -7.85 -2.81
N GLU A 36 -17.54 -7.30 -1.98
CA GLU A 36 -18.46 -8.11 -1.21
C GLU A 36 -19.50 -8.81 -2.06
N LYS A 37 -19.59 -8.52 -3.36
CA LYS A 37 -20.44 -9.31 -4.23
C LYS A 37 -19.92 -10.74 -4.40
N GLY A 38 -18.66 -10.98 -4.08
CA GLY A 38 -18.13 -12.33 -4.04
C GLY A 38 -17.41 -12.77 -5.30
N GLU A 39 -17.52 -12.03 -6.38
CA GLU A 39 -16.81 -12.38 -7.60
C GLU A 39 -15.37 -11.86 -7.56
N GLU A 40 -14.50 -12.54 -8.27
CA GLU A 40 -13.15 -12.05 -8.46
C GLU A 40 -13.17 -10.68 -9.15
N LEU A 41 -12.09 -9.92 -8.99
CA LEU A 41 -11.96 -8.59 -9.57
C LEU A 41 -11.05 -8.65 -10.79
N SER A 42 -11.42 -7.93 -11.82
CA SER A 42 -10.55 -7.74 -12.97
C SER A 42 -9.38 -6.83 -12.62
N CYS A 43 -8.43 -6.70 -13.54
CA CYS A 43 -7.29 -5.84 -13.30
C CYS A 43 -7.73 -4.40 -13.05
N GLU A 44 -8.60 -3.86 -13.89
CA GLU A 44 -9.06 -2.49 -13.67
C GLU A 44 -9.74 -2.35 -12.32
N GLU A 45 -10.58 -3.32 -11.95
CA GLU A 45 -11.30 -3.25 -10.68
C GLU A 45 -10.33 -3.33 -9.50
N ARG A 46 -9.29 -4.18 -9.60
CA ARG A 46 -8.31 -4.24 -8.52
C ARG A 46 -7.66 -2.88 -8.30
N ASN A 47 -7.34 -2.19 -9.40
CA ASN A 47 -6.71 -0.87 -9.28
C ASN A 47 -7.68 0.19 -8.78
N LEU A 48 -8.97 0.09 -9.10
CA LEU A 48 -9.92 1.00 -8.48
C LEU A 48 -9.97 0.79 -6.97
N LEU A 49 -9.95 -0.46 -6.53
CA LEU A 49 -9.94 -0.75 -5.09
C LEU A 49 -8.72 -0.15 -4.44
N SER A 50 -7.55 -0.36 -5.03
CA SER A 50 -6.33 0.10 -4.40
C SER A 50 -6.23 1.61 -4.43
N VAL A 51 -6.60 2.25 -5.53
CA VAL A 51 -6.53 3.70 -5.59
C VAL A 51 -7.40 4.30 -4.49
N ALA A 52 -8.60 3.75 -4.33
CA ALA A 52 -9.54 4.33 -3.37
C ALA A 52 -8.96 4.26 -1.96
N TYR A 53 -8.57 3.07 -1.53
CA TYR A 53 -8.08 2.92 -0.16
C TYR A 53 -6.73 3.60 0.04
N LYS A 54 -5.89 3.63 -0.99
CA LYS A 54 -4.61 4.29 -0.83
C LYS A 54 -4.81 5.78 -0.54
N ASN A 55 -5.75 6.41 -1.21
CA ASN A 55 -6.01 7.83 -0.98
C ASN A 55 -6.62 8.06 0.40
N VAL A 56 -7.56 7.21 0.80
CA VAL A 56 -8.16 7.36 2.12
C VAL A 56 -7.09 7.23 3.20
N VAL A 57 -6.36 6.12 3.20
CA VAL A 57 -5.37 5.91 4.25
C VAL A 57 -4.24 6.90 4.13
N GLY A 58 -3.94 7.38 2.92
CA GLY A 58 -2.86 8.35 2.76
C GLY A 58 -3.18 9.65 3.46
N GLY A 59 -4.43 10.11 3.36
CA GLY A 59 -4.82 11.27 4.10
C GLY A 59 -4.76 11.06 5.59
N GLN A 60 -5.16 9.88 6.05
CA GLN A 60 -5.09 9.57 7.48
C GLN A 60 -3.64 9.56 7.97
N ARG A 61 -2.74 8.95 7.20
CA ARG A 61 -1.34 8.90 7.56
C ARG A 61 -0.74 10.30 7.63
N ALA A 62 -1.06 11.15 6.66
CA ALA A 62 -0.56 12.52 6.67
C ALA A 62 -1.05 13.25 7.90
N ALA A 63 -2.33 13.06 8.25
CA ALA A 63 -2.86 13.74 9.44
C ALA A 63 -2.21 13.19 10.70
N TRP A 64 -2.07 11.87 10.80
CA TRP A 64 -1.42 11.25 11.94
C TRP A 64 -0.01 11.81 12.13
N ARG A 65 0.73 11.99 11.03
CA ARG A 65 2.11 12.47 11.16
C ARG A 65 2.14 13.89 11.70
N VAL A 66 1.21 14.74 11.24
CA VAL A 66 1.14 16.10 11.75
C VAL A 66 0.86 16.06 13.25
N LEU A 67 -0.14 15.28 13.67
CA LEU A 67 -0.53 15.24 15.06
C LEU A 67 0.55 14.62 15.94
N SER A 68 1.22 13.57 15.44
CA SER A 68 2.28 12.93 16.20
C SER A 68 3.44 13.88 16.40
N SER A 69 3.73 14.71 15.41
CA SER A 69 4.81 15.69 15.55
C SER A 69 4.44 16.72 16.60
N ILE A 70 3.20 17.19 16.60
CA ILE A 70 2.75 18.13 17.62
C ILE A 70 2.80 17.48 19.00
N GLU A 71 2.42 16.20 19.08
CA GLU A 71 2.39 15.51 20.35
C GLU A 71 3.80 15.38 20.92
N GLN A 72 4.76 15.02 20.07
CA GLN A 72 6.14 14.86 20.52
C GLN A 72 6.72 16.18 21.00
N LYS A 73 6.44 17.28 20.30
CA LYS A 73 6.92 18.58 20.76
C LYS A 73 6.31 18.97 22.11
N SER A 74 5.04 18.60 22.33
CA SER A 74 4.39 18.94 23.59
C SER A 74 4.91 18.10 24.75
N ASN A 75 5.66 17.05 24.46
CA ASN A 75 6.19 16.16 25.49
C ASN A 75 7.68 16.37 25.74
N GLU A 76 8.31 17.32 25.07
CA GLU A 76 9.73 17.57 25.28
C GLU A 76 9.95 18.47 26.49
N GLU A 77 11.20 18.51 26.96
CA GLU A 77 11.54 19.28 28.14
C GLU A 77 11.44 20.77 27.84
N GLY A 78 10.74 21.50 28.70
CA GLY A 78 10.54 22.92 28.56
C GLY A 78 9.21 23.31 27.96
N SER A 79 8.55 22.40 27.25
CA SER A 79 7.27 22.71 26.65
C SER A 79 6.18 22.83 27.71
N GLU A 80 5.17 23.63 27.42
CA GLU A 80 4.04 23.81 28.32
C GLU A 80 3.06 22.65 28.18
N GLU A 81 2.51 22.20 29.30
CA GLU A 81 1.49 21.17 29.29
C GLU A 81 0.19 21.75 28.76
N LYS A 82 -0.33 21.17 27.69
CA LYS A 82 -1.59 21.62 27.10
C LYS A 82 -2.69 20.58 27.26
N GLY A 83 -2.51 19.60 28.14
CA GLY A 83 -3.57 18.69 28.48
C GLY A 83 -3.58 17.45 27.61
N PRO A 84 -4.65 16.66 27.74
CA PRO A 84 -4.73 15.38 27.01
C PRO A 84 -5.17 15.51 25.56
N GLU A 85 -5.45 16.72 25.09
CA GLU A 85 -6.18 16.86 23.83
C GLU A 85 -5.37 16.40 22.62
N VAL A 86 -4.08 16.73 22.56
CA VAL A 86 -3.30 16.34 21.38
C VAL A 86 -3.23 14.82 21.30
N ARG A 87 -2.92 14.18 22.42
CA ARG A 87 -2.90 12.73 22.45
C ARG A 87 -4.25 12.15 22.06
N GLU A 88 -5.33 12.69 22.63
CA GLU A 88 -6.65 12.15 22.35
C GLU A 88 -6.96 12.23 20.87
N TYR A 89 -6.65 13.36 20.25
CA TYR A 89 -7.03 13.54 18.85
C TYR A 89 -6.11 12.71 17.93
N ARG A 90 -4.82 12.63 18.26
CA ARG A 90 -3.95 11.70 17.55
C ARG A 90 -4.48 10.27 17.64
N GLU A 91 -4.94 9.87 18.83
CA GLU A 91 -5.49 8.54 19.03
C GLU A 91 -6.76 8.33 18.21
N LYS A 92 -7.61 9.36 18.11
CA LYS A 92 -8.81 9.25 17.30
C LYS A 92 -8.46 8.99 15.84
N VAL A 93 -7.53 9.80 15.30
CA VAL A 93 -7.11 9.60 13.91
C VAL A 93 -6.47 8.22 13.75
N GLU A 94 -5.66 7.82 14.72
CA GLU A 94 -4.99 6.53 14.66
C GLU A 94 -5.99 5.38 14.64
N THR A 95 -7.04 5.46 15.47
CA THR A 95 -8.04 4.41 15.51
C THR A 95 -8.82 4.33 14.20
N GLU A 96 -9.10 5.48 13.59
CA GLU A 96 -9.79 5.48 12.30
C GLU A 96 -8.90 4.88 11.22
N LEU A 97 -7.60 5.20 11.24
CA LEU A 97 -6.64 4.61 10.31
C LEU A 97 -6.56 3.09 10.50
N GLN A 98 -6.46 2.65 11.74
CA GLN A 98 -6.40 1.21 11.99
C GLN A 98 -7.68 0.55 11.51
N GLY A 99 -8.82 1.23 11.62
CA GLY A 99 -10.06 0.66 11.14
C GLY A 99 -10.08 0.49 9.63
N VAL A 100 -9.53 1.47 8.90
CA VAL A 100 -9.41 1.33 7.45
C VAL A 100 -8.50 0.16 7.11
N CYS A 101 -7.36 0.05 7.77
CA CYS A 101 -6.45 -1.06 7.47
C CYS A 101 -7.11 -2.39 7.77
N ASP A 102 -7.84 -2.49 8.89
CA ASP A 102 -8.55 -3.71 9.24
C ASP A 102 -9.59 -4.06 8.18
N THR A 103 -10.27 -3.04 7.65
CA THR A 103 -11.25 -3.28 6.60
C THR A 103 -10.61 -3.86 5.34
N VAL A 104 -9.50 -3.26 4.89
CA VAL A 104 -8.82 -3.73 3.69
C VAL A 104 -8.29 -5.14 3.90
N LEU A 105 -7.62 -5.36 5.05
CA LEU A 105 -7.12 -6.69 5.34
C LEU A 105 -8.25 -7.71 5.40
N GLY A 106 -9.41 -7.29 5.91
CA GLY A 106 -10.54 -8.20 5.93
C GLY A 106 -11.04 -8.57 4.55
N LEU A 107 -11.03 -7.62 3.60
CA LEU A 107 -11.42 -7.92 2.23
C LEU A 107 -10.42 -8.89 1.60
N LEU A 108 -9.14 -8.69 1.87
CA LEU A 108 -8.13 -9.58 1.32
C LEU A 108 -8.27 -10.99 1.88
N ASP A 109 -8.57 -11.12 3.16
CA ASP A 109 -8.70 -12.44 3.79
C ASP A 109 -10.05 -13.09 3.55
N SER A 110 -11.05 -12.32 3.15
CA SER A 110 -12.40 -12.83 2.92
C SER A 110 -13.00 -12.15 1.68
N HIS A 111 -12.64 -12.61 0.47
CA HIS A 111 -11.85 -13.83 0.24
C HIS A 111 -10.95 -13.62 -0.97
N LEU A 112 -10.43 -12.40 -1.14
CA LEU A 112 -9.74 -12.08 -2.38
C LEU A 112 -8.48 -12.91 -2.58
N ILE A 113 -7.64 -13.04 -1.55
CA ILE A 113 -6.37 -13.74 -1.74
C ILE A 113 -6.61 -15.22 -2.05
N LYS A 114 -7.50 -15.88 -1.31
CA LYS A 114 -7.65 -17.31 -1.50
C LYS A 114 -8.20 -17.68 -2.87
N GLU A 115 -8.88 -16.78 -3.56
CA GLU A 115 -9.37 -17.08 -4.90
C GLU A 115 -8.45 -16.60 -6.02
N ALA A 116 -7.35 -15.91 -5.66
CA ALA A 116 -6.45 -15.30 -6.63
C ALA A 116 -5.35 -16.29 -6.99
N GLY A 117 -5.42 -16.82 -8.21
CA GLY A 117 -4.47 -17.82 -8.67
C GLY A 117 -3.49 -17.33 -9.72
N ASP A 118 -3.87 -16.34 -10.51
CA ASP A 118 -2.93 -15.78 -11.47
C ASP A 118 -1.95 -14.86 -10.76
N ALA A 119 -0.71 -14.82 -11.26
CA ALA A 119 0.28 -13.98 -10.60
C ALA A 119 -0.17 -12.53 -10.50
N GLU A 120 -0.77 -11.98 -11.56
N GLU A 120 -0.77 -11.99 -11.57
CA GLU A 120 -1.08 -10.54 -11.54
CA GLU A 120 -1.11 -10.58 -11.57
C GLU A 120 -2.17 -10.19 -10.53
C GLU A 120 -2.07 -10.25 -10.44
N SER A 121 -3.02 -11.13 -10.16
CA SER A 121 -3.96 -10.87 -9.08
C SER A 121 -3.35 -11.21 -7.73
N ARG A 122 -2.73 -12.39 -7.60
CA ARG A 122 -2.23 -12.82 -6.30
C ARG A 122 -1.12 -11.91 -5.79
N VAL A 123 -0.16 -11.57 -6.65
CA VAL A 123 0.90 -10.63 -6.25
C VAL A 123 0.31 -9.29 -5.85
N PHE A 124 -0.65 -8.79 -6.62
CA PHE A 124 -1.27 -7.51 -6.30
C PHE A 124 -1.88 -7.53 -4.91
N TYR A 125 -2.62 -8.58 -4.58
CA TYR A 125 -3.30 -8.64 -3.28
C TYR A 125 -2.31 -8.85 -2.14
N LEU A 126 -1.28 -9.66 -2.37
CA LEU A 126 -0.27 -9.85 -1.33
C LEU A 126 0.52 -8.58 -1.10
N LYS A 127 0.81 -7.82 -2.15
CA LYS A 127 1.42 -6.50 -1.98
C LYS A 127 0.51 -5.61 -1.12
N MET A 128 -0.79 -5.63 -1.39
N MET A 128 -0.79 -5.61 -1.42
CA MET A 128 -1.71 -4.80 -0.62
CA MET A 128 -1.72 -4.81 -0.63
C MET A 128 -1.73 -5.24 0.84
C MET A 128 -1.68 -5.24 0.84
N LYS A 129 -1.66 -6.55 1.09
CA LYS A 129 -1.60 -7.04 2.46
C LYS A 129 -0.35 -6.54 3.17
N GLY A 130 0.80 -6.61 2.49
CA GLY A 130 2.00 -6.04 3.07
C GLY A 130 1.89 -4.55 3.34
N ASP A 131 1.33 -3.81 2.38
CA ASP A 131 1.19 -2.37 2.51
C ASP A 131 0.33 -2.01 3.74
N TYR A 132 -0.82 -2.67 3.91
CA TYR A 132 -1.74 -2.30 5.00
C TYR A 132 -1.21 -2.77 6.35
N TYR A 133 -0.48 -3.89 6.41
CA TYR A 133 0.23 -4.19 7.66
C TYR A 133 1.34 -3.17 7.90
N ARG A 134 1.99 -2.67 6.84
CA ARG A 134 3.00 -1.63 7.01
C ARG A 134 2.39 -0.37 7.60
N TYR A 135 1.20 0.03 7.13
CA TYR A 135 0.57 1.22 7.69
C TYR A 135 0.20 1.01 9.16
N LEU A 136 -0.25 -0.21 9.50
CA LEU A 136 -0.46 -0.52 10.92
C LEU A 136 0.85 -0.41 11.70
N ALA A 137 1.95 -0.88 11.11
CA ALA A 137 3.24 -0.86 11.82
C ALA A 137 3.69 0.57 12.07
N GLU A 138 3.38 1.51 11.18
CA GLU A 138 3.79 2.89 11.35
C GLU A 138 3.26 3.47 12.64
N VAL A 139 2.11 2.99 13.13
CA VAL A 139 1.46 3.55 14.32
C VAL A 139 1.51 2.60 15.50
N ALA A 140 2.07 1.42 15.35
CA ALA A 140 2.12 0.42 16.40
C ALA A 140 3.31 0.66 17.33
N THR A 141 3.16 0.16 18.55
CA THR A 141 4.22 0.25 19.55
C THR A 141 4.43 -1.10 20.20
N GLY A 142 5.68 -1.40 20.55
CA GLY A 142 6.03 -2.54 21.38
C GLY A 142 5.97 -3.90 20.70
N ASP A 143 5.42 -4.88 21.42
CA ASP A 143 5.38 -6.25 20.90
C ASP A 143 4.34 -6.38 19.78
N ASP A 144 3.18 -5.72 19.94
CA ASP A 144 2.24 -5.68 18.82
C ASP A 144 2.95 -5.24 17.55
N LYS A 145 3.87 -4.28 17.68
CA LYS A 145 4.62 -3.86 16.51
C LYS A 145 5.34 -5.03 15.86
N LYS A 146 5.94 -5.91 16.68
CA LYS A 146 6.74 -6.99 16.10
C LYS A 146 5.89 -7.93 15.27
N ARG A 147 4.72 -8.32 15.78
CA ARG A 147 3.90 -9.28 15.06
C ARG A 147 3.31 -8.64 13.80
N ILE A 148 2.94 -7.36 13.88
CA ILE A 148 2.48 -6.63 12.70
C ILE A 148 3.57 -6.57 11.66
N ILE A 149 4.79 -6.24 12.10
CA ILE A 149 5.92 -6.14 11.18
C ILE A 149 6.16 -7.46 10.49
N ASP A 150 6.06 -8.57 11.23
CA ASP A 150 6.30 -9.85 10.59
C ASP A 150 5.20 -10.24 9.63
N SER A 151 3.96 -9.85 9.92
CA SER A 151 2.89 -10.09 8.96
C SER A 151 3.10 -9.30 7.66
N ALA A 152 3.56 -8.06 7.76
CA ALA A 152 3.87 -7.30 6.55
C ALA A 152 4.98 -8.00 5.76
N ARG A 153 6.05 -8.37 6.45
CA ARG A 153 7.20 -9.02 5.81
C ARG A 153 6.78 -10.29 5.11
N SER A 154 5.97 -11.12 5.79
CA SER A 154 5.57 -12.39 5.24
C SER A 154 4.75 -12.21 3.97
N ALA A 155 3.84 -11.23 3.96
CA ALA A 155 3.02 -11.00 2.78
C ALA A 155 3.86 -10.49 1.62
N TYR A 156 4.75 -9.51 1.89
CA TYR A 156 5.64 -9.00 0.86
C TYR A 156 6.54 -10.10 0.33
N GLN A 157 7.03 -10.98 1.21
CA GLN A 157 7.94 -12.03 0.76
C GLN A 157 7.25 -13.03 -0.14
N GLU A 158 6.03 -13.46 0.22
CA GLU A 158 5.32 -14.38 -0.65
C GLU A 158 5.05 -13.72 -2.01
N ALA A 159 4.70 -12.44 -2.01
CA ALA A 159 4.47 -11.72 -3.25
C ALA A 159 5.75 -11.66 -4.07
N MET A 160 6.90 -11.40 -3.42
CA MET A 160 8.18 -11.34 -4.11
C MET A 160 8.48 -12.69 -4.74
N ASP A 161 8.28 -13.76 -3.97
CA ASP A 161 8.65 -15.09 -4.48
C ASP A 161 7.84 -15.42 -5.73
N ILE A 162 6.53 -15.14 -5.73
CA ILE A 162 5.70 -15.39 -6.90
C ILE A 162 6.13 -14.50 -8.06
N SER A 163 6.38 -13.21 -7.77
CA SER A 163 6.69 -12.26 -8.84
C SER A 163 7.98 -12.64 -9.55
N LYS A 164 8.96 -13.14 -8.81
CA LYS A 164 10.23 -13.54 -9.43
C LYS A 164 10.07 -14.77 -10.28
N LYS A 165 9.15 -15.66 -9.93
CA LYS A 165 8.95 -16.87 -10.72
C LYS A 165 8.03 -16.65 -11.90
N GLU A 166 7.09 -15.72 -11.81
CA GLU A 166 5.99 -15.65 -12.77
C GLU A 166 5.89 -14.36 -13.56
N MET A 167 6.65 -13.32 -13.25
CA MET A 167 6.55 -12.05 -13.92
C MET A 167 7.91 -11.61 -14.43
N PRO A 168 7.96 -10.90 -15.55
CA PRO A 168 9.23 -10.32 -15.98
C PRO A 168 9.66 -9.21 -15.03
N PRO A 169 10.95 -8.88 -15.03
CA PRO A 169 11.45 -7.89 -14.06
C PRO A 169 10.94 -6.50 -14.28
N THR A 170 10.35 -6.21 -15.44
CA THR A 170 9.76 -4.91 -15.71
C THR A 170 8.26 -4.83 -15.41
N ASN A 171 7.63 -5.92 -15.01
CA ASN A 171 6.20 -5.89 -14.75
CA ASN A 171 6.20 -5.88 -14.75
C ASN A 171 5.90 -4.81 -13.70
N PRO A 172 4.98 -3.88 -13.97
CA PRO A 172 4.78 -2.76 -13.02
C PRO A 172 4.31 -3.19 -11.64
N ILE A 173 3.55 -4.28 -11.53
CA ILE A 173 3.18 -4.79 -10.21
C ILE A 173 4.41 -5.27 -9.46
N ARG A 174 5.26 -6.05 -10.14
CA ARG A 174 6.51 -6.50 -9.53
C ARG A 174 7.38 -5.34 -9.11
N LEU A 175 7.48 -4.31 -9.96
CA LEU A 175 8.30 -3.16 -9.63
C LEU A 175 7.75 -2.41 -8.42
N GLY A 176 6.43 -2.19 -8.39
CA GLY A 176 5.86 -1.46 -7.28
C GLY A 176 5.93 -2.22 -5.98
N LEU A 177 5.76 -3.54 -6.05
CA LEU A 177 5.99 -4.39 -4.88
C LEU A 177 7.39 -4.23 -4.33
N ALA A 178 8.39 -4.30 -5.20
CA ALA A 178 9.77 -4.17 -4.76
C ALA A 178 10.04 -2.78 -4.20
N LEU A 179 9.53 -1.74 -4.86
CA LEU A 179 9.66 -0.38 -4.32
C LEU A 179 9.15 -0.32 -2.88
N ASN A 180 7.95 -0.85 -2.66
CA ASN A 180 7.31 -0.72 -1.35
C ASN A 180 7.97 -1.61 -0.31
N PHE A 181 8.38 -2.84 -0.69
CA PHE A 181 9.08 -3.71 0.23
C PHE A 181 10.42 -3.10 0.62
N SER A 182 11.08 -2.42 -0.33
CA SER A 182 12.31 -1.71 -0.01
C SER A 182 12.04 -0.62 1.02
N VAL A 183 10.94 0.12 0.87
CA VAL A 183 10.60 1.14 1.87
C VAL A 183 10.28 0.50 3.21
N PHE A 184 9.54 -0.62 3.22
CA PHE A 184 9.34 -1.38 4.44
C PHE A 184 10.69 -1.66 5.13
N HIS A 185 11.67 -2.17 4.37
CA HIS A 185 12.95 -2.47 5.00
C HIS A 185 13.58 -1.22 5.60
N TYR A 186 13.52 -0.08 4.90
CA TYR A 186 14.21 1.12 5.35
C TYR A 186 13.51 1.73 6.55
N GLU A 187 12.20 1.92 6.45
CA GLU A 187 11.45 2.74 7.41
C GLU A 187 10.84 1.94 8.54
N ILE A 188 10.57 0.64 8.34
CA ILE A 188 9.86 -0.16 9.31
C ILE A 188 10.77 -1.16 10.00
N ALA A 189 11.55 -1.92 9.21
CA ALA A 189 12.35 -3.01 9.75
C ALA A 189 13.74 -2.57 10.18
N ASN A 190 14.06 -1.30 10.07
CA ASN A 190 15.40 -0.80 10.42
C ASN A 190 16.49 -1.56 9.69
N SER A 191 16.25 -1.83 8.41
CA SER A 191 17.17 -2.58 7.54
C SER A 191 17.51 -1.72 6.32
N PRO A 192 18.20 -0.60 6.50
CA PRO A 192 18.49 0.25 5.34
C PRO A 192 19.35 -0.43 4.29
N GLU A 193 20.29 -1.29 4.68
CA GLU A 193 21.11 -1.95 3.67
C GLU A 193 20.26 -2.87 2.81
N GLU A 194 19.32 -3.60 3.41
CA GLU A 194 18.44 -4.46 2.63
C GLU A 194 17.58 -3.62 1.70
N ALA A 195 17.12 -2.47 2.17
CA ALA A 195 16.31 -1.58 1.35
C ALA A 195 17.07 -1.11 0.12
N ILE A 196 18.31 -0.68 0.31
CA ILE A 196 19.14 -0.17 -0.78
C ILE A 196 19.48 -1.30 -1.74
N SER A 197 19.83 -2.48 -1.23
CA SER A 197 20.16 -3.60 -2.10
C SER A 197 18.95 -4.01 -2.95
N LEU A 198 17.78 -4.10 -2.33
CA LEU A 198 16.58 -4.47 -3.10
C LEU A 198 16.27 -3.45 -4.18
N ALA A 199 16.33 -2.16 -3.83
CA ALA A 199 16.02 -1.14 -4.84
C ALA A 199 17.01 -1.19 -5.99
N LYS A 200 18.29 -1.38 -5.71
CA LYS A 200 19.32 -1.39 -6.75
C LYS A 200 19.17 -2.62 -7.66
N THR A 201 19.02 -3.79 -7.06
CA THR A 201 18.88 -5.02 -7.84
C THR A 201 17.62 -4.95 -8.69
N THR A 202 16.52 -4.45 -8.12
CA THR A 202 15.28 -4.33 -8.89
C THR A 202 15.48 -3.42 -10.08
N PHE A 203 16.09 -2.25 -9.84
CA PHE A 203 16.30 -1.29 -10.90
C PHE A 203 17.14 -1.89 -12.01
N ASP A 204 18.23 -2.57 -11.63
CA ASP A 204 19.17 -3.05 -12.64
C ASP A 204 18.57 -4.18 -13.45
N GLU A 205 17.81 -5.07 -12.82
CA GLU A 205 17.18 -6.16 -13.55
C GLU A 205 16.08 -5.64 -14.45
N ALA A 206 15.37 -4.60 -14.04
CA ALA A 206 14.38 -4.00 -14.94
C ALA A 206 15.04 -3.34 -16.14
N MET A 207 16.11 -2.59 -15.90
N MET A 207 16.11 -2.58 -15.89
CA MET A 207 16.81 -1.93 -17.00
CA MET A 207 16.85 -1.93 -16.97
C MET A 207 17.15 -2.91 -18.11
C MET A 207 17.16 -2.92 -18.09
N ALA A 208 17.66 -4.10 -17.73
CA ALA A 208 18.09 -5.09 -18.70
C ALA A 208 16.95 -5.74 -19.44
N ASP A 209 15.70 -5.55 -19.01
CA ASP A 209 14.54 -6.14 -19.66
C ASP A 209 13.71 -5.11 -20.42
N LEU A 210 14.09 -3.84 -20.37
CA LEU A 210 13.32 -2.80 -21.07
C LEU A 210 13.28 -3.04 -22.57
N HIS A 211 14.31 -3.66 -23.13
CA HIS A 211 14.41 -3.85 -24.58
C HIS A 211 13.26 -4.69 -25.11
N THR A 212 12.58 -5.44 -24.25
CA THR A 212 11.52 -6.34 -24.69
C THR A 212 10.18 -5.64 -24.79
N LEU A 213 10.09 -4.39 -24.38
CA LEU A 213 8.81 -3.72 -24.15
C LEU A 213 8.41 -2.81 -25.31
N SER A 214 7.10 -2.68 -25.48
CA SER A 214 6.55 -1.67 -26.35
C SER A 214 6.73 -0.29 -25.73
N GLU A 215 6.40 0.76 -26.50
CA GLU A 215 6.57 2.12 -26.00
C GLU A 215 5.68 2.41 -24.79
N ASP A 216 4.45 1.92 -24.80
CA ASP A 216 3.56 2.19 -23.67
C ASP A 216 4.01 1.42 -22.42
N SER A 217 4.43 0.16 -22.57
CA SER A 217 4.91 -0.61 -21.43
C SER A 217 6.21 -0.01 -20.90
N TYR A 218 7.07 0.47 -21.79
CA TYR A 218 8.30 1.13 -21.39
C TYR A 218 8.00 2.33 -20.51
N LYS A 219 6.98 3.11 -20.87
CA LYS A 219 6.62 4.26 -20.05
C LYS A 219 6.17 3.82 -18.66
N ASP A 220 5.32 2.79 -18.60
CA ASP A 220 4.83 2.33 -17.29
C ASP A 220 5.98 1.86 -16.41
N SER A 221 6.87 1.07 -16.98
CA SER A 221 7.96 0.51 -16.16
C SER A 221 8.97 1.58 -15.77
N THR A 222 9.37 2.45 -16.70
CA THR A 222 10.40 3.43 -16.35
C THR A 222 9.88 4.43 -15.31
N LEU A 223 8.58 4.67 -15.27
CA LEU A 223 8.04 5.55 -14.24
C LEU A 223 8.35 5.02 -12.84
N ILE A 224 8.12 3.72 -12.63
CA ILE A 224 8.39 3.15 -11.31
C ILE A 224 9.88 3.01 -11.09
N MET A 225 10.65 2.73 -12.15
CA MET A 225 12.10 2.68 -12.00
C MET A 225 12.64 4.02 -11.50
N GLN A 226 12.05 5.12 -11.95
CA GLN A 226 12.49 6.43 -11.49
C GLN A 226 12.21 6.61 -10.00
N LEU A 227 11.13 6.03 -9.49
CA LEU A 227 10.87 6.10 -8.05
C LEU A 227 11.92 5.31 -7.26
N LEU A 228 12.32 4.13 -7.76
CA LEU A 228 13.41 3.38 -7.14
C LEU A 228 14.68 4.23 -7.09
N ARG A 229 14.99 4.91 -8.21
CA ARG A 229 16.17 5.76 -8.23
C ARG A 229 16.03 6.93 -7.27
N ASP A 230 14.83 7.53 -7.21
CA ASP A 230 14.60 8.62 -6.29
C ASP A 230 14.89 8.19 -4.87
N ASN A 231 14.40 7.01 -4.49
CA ASN A 231 14.64 6.52 -3.13
C ASN A 231 16.10 6.25 -2.90
N LEU A 232 16.77 5.63 -3.87
CA LEU A 232 18.20 5.40 -3.74
C LEU A 232 18.95 6.71 -3.54
N THR A 233 18.53 7.77 -4.24
CA THR A 233 19.18 9.07 -4.05
C THR A 233 18.92 9.65 -2.67
N LEU A 234 17.71 9.45 -2.16
CA LEU A 234 17.41 9.89 -0.81
C LEU A 234 18.24 9.14 0.24
N TRP A 235 18.63 7.90 -0.05
CA TRP A 235 19.22 7.03 0.95
C TRP A 235 20.73 6.91 0.85
N THR A 236 21.35 7.47 -0.18
CA THR A 236 22.80 7.30 -0.39
C THR A 236 23.47 8.65 -0.65
N PHE B 1 9.60 11.88 3.04
CA PHE B 1 9.25 10.47 2.98
C PHE B 1 9.62 9.86 1.62
N PRO B 2 9.94 8.57 1.60
CA PRO B 2 10.29 7.91 0.34
C PRO B 2 9.05 7.54 -0.47
N ALA B 3 9.28 7.27 -1.74
CA ALA B 3 8.22 6.97 -2.66
C ALA B 3 7.71 5.53 -2.55
N TPO B 4 6.38 5.40 -2.54
CA TPO B 4 5.68 4.12 -2.60
CB TPO B 4 5.17 3.67 -1.22
CG2 TPO B 4 6.34 3.40 -0.27
OG1 TPO B 4 4.35 4.76 -0.75
P TPO B 4 3.45 4.53 0.57
O1P TPO B 4 2.42 5.73 0.43
O2P TPO B 4 4.28 4.63 1.79
O3P TPO B 4 2.73 3.15 0.47
C TPO B 4 4.53 4.26 -3.59
O TPO B 4 4.09 5.40 -3.87
N VAL B 5 4.06 3.15 -4.14
CA VAL B 5 2.92 3.18 -5.07
C VAL B 5 1.82 2.25 -4.65
MG MG C . 17.95 -10.74 -2.50
MG MG D . -26.66 -8.62 -9.61
C10 LF5 E . -5.95 0.88 -14.28
C12 LF5 E . -6.75 2.79 -12.91
C13 LF5 E . -5.44 2.51 -12.68
C14 LF5 E . -7.47 3.88 -12.27
C01 LF5 E . -7.58 -0.70 -18.16
C02 LF5 E . -6.54 -1.22 -17.21
C03 LF5 E . -6.60 -2.72 -17.01
C05 LF5 E . -5.71 -0.20 -15.14
C06 LF5 E . -4.44 -0.77 -15.20
C07 LF5 E . -3.43 -0.26 -14.40
C08 LF5 E . -3.68 0.80 -13.55
C09 LF5 E . -4.95 1.41 -13.45
N15 LF5 E . -8.76 4.03 -12.57
N16 LF5 E . -6.93 4.71 -11.45
O04 LF5 E . -6.76 -0.60 -15.91
S11 LF5 E . -7.46 1.71 -14.09
CL LF5 E . -2.36 1.41 -12.61
H131 LF5 E . -4.80 3.04 -11.98
H013 LF5 E . -8.60 -0.92 -17.83
H012 LF5 E . -7.49 -1.15 -19.16
H011 LF5 E . -7.52 0.38 -18.30
H021 LF5 E . -5.55 -0.95 -17.59
H031 LF5 E . -7.56 -3.04 -16.62
H033 LF5 E . -5.85 -3.08 -16.32
H032 LF5 E . -6.45 -3.27 -17.94
H061 LF5 E . -4.23 -1.60 -15.86
H071 LF5 E . -2.44 -0.70 -14.43
H1 LF5 E . -9.22 3.41 -13.22
H161 LF5 E . -7.56 5.43 -11.09
H LF5 E . -9.32 4.77 -12.17
C10 LF5 F . -4.36 -6.18 13.53
C12 LF5 F . -5.76 -7.07 11.68
C13 LF5 F . -6.05 -5.78 11.96
C14 LF5 F . -6.43 -7.87 10.67
C01 LF5 F . -2.66 -6.96 17.44
C02 LF5 F . -1.85 -6.76 16.18
C03 LF5 F . -0.73 -7.78 16.05
C05 LF5 F . -3.48 -5.88 14.58
C06 LF5 F . -3.47 -4.61 15.12
C07 LF5 F . -4.33 -3.64 14.63
C08 LF5 F . -5.21 -3.96 13.61
C09 LF5 F . -5.25 -5.23 13.02
N15 LF5 F . -5.87 -9.04 10.36
N16 LF5 F . -7.50 -7.53 10.09
O04 LF5 F . -2.69 -6.92 15.02
S11 LF5 F . -4.47 -7.69 12.69
CL LF5 F . -6.25 -2.71 13.01
H131 LF5 F . -6.82 -5.19 11.47
H013 LF5 F . -3.13 -7.95 17.47
H012 LF5 F . -2.06 -6.87 18.34
H011 LF5 F . -3.46 -6.24 17.52
H021 LF5 F . -1.45 -5.75 16.20
H031 LF5 F . -1.06 -8.79 16.24
H033 LF5 F . 0.08 -7.58 16.75
H032 LF5 F . -0.28 -7.77 15.06
H061 LF5 F . -2.79 -4.35 15.94
H071 LF5 F . -4.32 -2.64 15.03
H1 LF5 F . -6.27 -9.66 9.67
H161 LF5 F . -7.86 -8.19 9.40
H LF5 F . -5.01 -9.36 10.81
#